data_4O4D
#
_entry.id   4O4D
#
_cell.length_a   102.738
_cell.length_b   102.738
_cell.length_c   111.737
_cell.angle_alpha   90.00
_cell.angle_beta   90.00
_cell.angle_gamma   90.00
#
_symmetry.space_group_name_H-M   'I 41 2 2'
#
loop_
_entity.id
_entity.type
_entity.pdbx_description
1 polymer 'Inositol hexakisphosphate kinase'
2 non-polymer 'MAGNESIUM ION'
3 non-polymer D-MYO-INOSITOL-1,4,5-TRIPHOSPHATE
4 non-polymer "ADENOSINE-5'-TRIPHOSPHATE"
5 non-polymer 'PHOSPHATE ION'
6 non-polymer 'ACETATE ION'
7 water water
#
_entity_poly.entity_id   1
_entity_poly.type   'polypeptide(L)'
_entity_poly.pdbx_seq_one_letter_code
;GSFTQQLHPDGQYLLKPCLSHRERDFYLHIKDDKEWTGTGIIPKFYGVELHEFGFGELEFIRMENLMYKYKRPFVLDLKI
GTQTWDPETASSKMKKRLVVDSTSTTTSLGVRFSGMERNIGEEKPILYSRYLCTHEVNTRDSLKEYIKLFFNDGKKYRKE
LVPYFISQLDKMIEVMKKREYKMFSSSVLFVYDSTTTLEDKKYNCKMIDFAHNWILSEEECTVEDGFLFGLNNLKSILED
IENEFKSL
;
_entity_poly.pdbx_strand_id   A
#
# COMPACT_ATOMS: atom_id res chain seq x y z
N PRO A 9 13.57 8.29 2.47
CA PRO A 9 12.58 8.82 3.42
C PRO A 9 13.18 9.61 4.61
N ASP A 10 13.76 10.77 4.29
CA ASP A 10 14.49 11.59 5.26
C ASP A 10 13.68 12.75 5.91
N GLY A 11 13.02 13.54 5.07
CA GLY A 11 12.39 14.78 5.50
C GLY A 11 10.91 14.63 5.72
N GLN A 12 10.26 15.77 5.84
CA GLN A 12 8.87 15.82 6.22
C GLN A 12 7.88 15.38 5.14
N TYR A 13 8.31 15.54 3.90
CA TYR A 13 7.40 15.43 2.76
C TYR A 13 7.93 14.46 1.73
N LEU A 14 6.99 13.95 0.96
CA LEU A 14 7.29 13.35 -0.35
C LEU A 14 6.64 14.26 -1.38
N LEU A 15 7.43 14.74 -2.33
CA LEU A 15 6.96 15.59 -3.42
C LEU A 15 6.95 14.68 -4.66
N LYS A 16 5.82 14.04 -4.90
CA LYS A 16 5.71 13.02 -5.97
C LYS A 16 5.26 13.66 -7.30
N PRO A 17 6.05 13.49 -8.36
CA PRO A 17 5.67 14.09 -9.64
C PRO A 17 4.38 13.50 -10.21
N CYS A 18 3.60 14.30 -10.91
CA CYS A 18 2.37 13.83 -11.55
C CYS A 18 2.73 13.47 -12.98
N LEU A 19 2.80 12.17 -13.29
CA LEU A 19 3.13 11.75 -14.65
C LEU A 19 1.86 11.47 -15.45
N SER A 20 0.72 11.34 -14.77
CA SER A 20 -0.57 11.33 -15.41
C SER A 20 -1.53 12.08 -14.50
N HIS A 21 -2.75 12.27 -14.95
CA HIS A 21 -3.77 12.98 -14.20
C HIS A 21 -4.46 12.21 -13.08
N ARG A 22 -4.27 10.89 -13.01
CA ARG A 22 -5.20 10.10 -12.23
C ARG A 22 -4.98 10.26 -10.74
N GLU A 23 -3.72 10.25 -10.33
CA GLU A 23 -3.40 10.34 -8.89
C GLU A 23 -3.77 11.69 -8.35
N ARG A 24 -3.37 12.74 -9.05
CA ARG A 24 -3.71 14.11 -8.63
C ARG A 24 -5.22 14.33 -8.64
N ASP A 25 -5.90 13.80 -9.67
CA ASP A 25 -7.36 13.88 -9.72
C ASP A 25 -8.03 13.22 -8.53
N PHE A 26 -7.49 12.08 -8.11
CA PHE A 26 -8.04 11.38 -6.97
C PHE A 26 -7.85 12.19 -5.68
N TYR A 27 -6.60 12.55 -5.38
CA TYR A 27 -6.36 13.32 -4.18
C TYR A 27 -7.25 14.60 -4.14
N LEU A 28 -7.34 15.30 -5.26
CA LEU A 28 -8.19 16.51 -5.35
C LEU A 28 -9.66 16.19 -5.16
N HIS A 29 -10.07 15.03 -5.67
CA HIS A 29 -11.44 14.68 -5.60
C HIS A 29 -11.83 14.42 -4.18
N ILE A 30 -10.94 13.83 -3.38
CA ILE A 30 -11.36 13.45 -2.03
C ILE A 30 -10.87 14.42 -0.96
N LYS A 31 -10.16 15.46 -1.36
CA LYS A 31 -9.60 16.44 -0.42
C LYS A 31 -10.62 17.04 0.58
N ASP A 32 -11.90 17.00 0.30
CA ASP A 32 -12.87 17.45 1.30
C ASP A 32 -13.75 16.35 1.89
N ASP A 33 -13.53 15.10 1.53
CA ASP A 33 -14.30 13.99 2.10
C ASP A 33 -13.62 13.55 3.42
N LYS A 34 -14.21 13.89 4.56
CA LYS A 34 -13.57 13.57 5.83
C LYS A 34 -13.42 12.07 6.04
N GLU A 35 -14.19 11.27 5.30
CA GLU A 35 -14.01 9.84 5.34
C GLU A 35 -12.67 9.39 4.69
N TRP A 36 -12.12 10.21 3.82
CA TRP A 36 -10.82 9.96 3.24
C TRP A 36 -9.72 10.66 4.03
N THR A 37 -9.97 11.89 4.46
CA THR A 37 -8.94 12.76 5.03
C THR A 37 -8.92 12.81 6.54
N GLY A 38 -9.99 12.37 7.21
CA GLY A 38 -10.04 12.48 8.67
C GLY A 38 -9.85 11.14 9.34
N THR A 39 -9.86 10.08 8.53
CA THR A 39 -9.81 8.74 9.07
C THR A 39 -8.42 8.15 9.18
N GLY A 40 -7.41 8.85 8.64
CA GLY A 40 -6.04 8.34 8.70
C GLY A 40 -5.72 7.15 7.82
N ILE A 41 -6.42 6.99 6.69
CA ILE A 41 -6.21 5.84 5.81
C ILE A 41 -5.31 6.11 4.57
N ILE A 42 -5.08 7.39 4.26
CA ILE A 42 -4.20 7.79 3.17
C ILE A 42 -3.25 8.87 3.69
N PRO A 43 -2.11 9.04 3.04
CA PRO A 43 -1.18 10.10 3.47
C PRO A 43 -1.83 11.45 3.52
N LYS A 44 -1.46 12.27 4.51
CA LYS A 44 -1.89 13.66 4.56
C LYS A 44 -1.50 14.32 3.26
N PHE A 45 -2.49 14.92 2.61
CA PHE A 45 -2.34 15.57 1.33
C PHE A 45 -2.24 17.07 1.51
N TYR A 46 -1.10 17.65 1.14
CA TYR A 46 -0.90 19.10 1.30
C TYR A 46 -1.40 19.90 0.13
N GLY A 47 -1.32 19.36 -1.08
CA GLY A 47 -1.76 20.06 -2.28
C GLY A 47 -0.99 19.67 -3.53
N VAL A 48 -1.51 20.05 -4.69
CA VAL A 48 -0.77 19.87 -5.96
C VAL A 48 0.02 21.16 -6.13
N GLU A 49 1.26 21.07 -6.59
CA GLU A 49 2.15 22.24 -6.71
C GLU A 49 2.86 22.20 -8.04
N LEU A 50 3.04 23.36 -8.64
CA LEU A 50 3.94 23.44 -9.79
C LEU A 50 5.34 23.77 -9.31
N HIS A 51 6.33 23.06 -9.85
CA HIS A 51 7.71 23.41 -9.67
C HIS A 51 8.41 23.43 -11.04
N GLU A 52 9.38 24.33 -11.17
CA GLU A 52 10.09 24.54 -12.44
C GLU A 52 10.70 23.23 -12.96
N PHE A 53 10.49 22.95 -14.25
CA PHE A 53 11.01 21.72 -14.83
C PHE A 53 11.06 21.94 -16.34
N GLY A 54 12.23 21.74 -16.93
CA GLY A 54 12.33 21.85 -18.37
C GLY A 54 12.21 23.27 -18.81
N PHE A 55 11.34 23.52 -19.76
CA PHE A 55 11.08 24.85 -20.23
C PHE A 55 9.95 25.52 -19.45
N GLY A 56 9.24 24.75 -18.62
CA GLY A 56 8.12 25.29 -17.88
C GLY A 56 8.04 24.75 -16.48
N GLU A 57 6.98 24.01 -16.23
N GLU A 57 6.98 24.01 -16.24
CA GLU A 57 6.63 23.59 -14.87
CA GLU A 57 6.66 23.55 -14.91
C GLU A 57 6.09 22.17 -14.92
C GLU A 57 6.21 22.11 -14.99
N LEU A 58 6.38 21.39 -13.89
CA LEU A 58 5.85 20.03 -13.74
C LEU A 58 5.03 20.05 -12.45
N GLU A 59 3.89 19.38 -12.50
CA GLU A 59 3.02 19.26 -11.34
C GLU A 59 3.43 18.13 -10.44
N PHE A 60 3.36 18.37 -9.14
CA PHE A 60 3.67 17.38 -8.15
C PHE A 60 2.54 17.34 -7.10
N ILE A 61 2.47 16.21 -6.42
CA ILE A 61 1.66 16.06 -5.21
CA ILE A 61 1.68 16.01 -5.20
C ILE A 61 2.57 16.18 -3.99
N ARG A 62 2.28 17.14 -3.12
CA ARG A 62 2.99 17.18 -1.85
C ARG A 62 2.15 16.41 -0.84
N MET A 63 2.77 15.41 -0.23
CA MET A 63 2.14 14.66 0.85
C MET A 63 3.13 14.40 1.99
N GLU A 64 2.65 13.91 3.13
CA GLU A 64 3.57 13.58 4.22
C GLU A 64 4.45 12.37 3.82
N ASN A 65 5.65 12.38 4.34
CA ASN A 65 6.53 11.25 4.36
C ASN A 65 6.17 10.47 5.62
N LEU A 66 5.61 9.29 5.43
CA LEU A 66 5.11 8.50 6.57
C LEU A 66 6.25 8.01 7.48
N MET A 67 7.48 8.04 7.01
CA MET A 67 8.61 7.64 7.86
C MET A 67 9.46 8.77 8.39
N TYR A 68 8.98 10.00 8.34
CA TYR A 68 9.68 11.15 8.91
C TYR A 68 10.17 10.81 10.35
N LYS A 69 11.47 10.94 10.60
CA LYS A 69 12.09 10.74 11.92
C LYS A 69 12.18 9.29 12.37
N TYR A 70 11.85 8.33 11.51
CA TYR A 70 12.01 6.93 11.89
C TYR A 70 13.50 6.60 12.03
N LYS A 71 13.89 6.02 13.17
CA LYS A 71 15.29 5.58 13.39
C LYS A 71 15.63 4.25 12.72
N ARG A 72 14.83 3.21 12.95
CA ARG A 72 15.05 1.94 12.28
C ARG A 72 13.77 1.59 11.54
N PRO A 73 13.65 2.01 10.28
CA PRO A 73 12.46 1.78 9.46
C PRO A 73 12.19 0.31 9.18
N PHE A 74 10.95 -0.11 9.36
CA PHE A 74 10.46 -1.37 8.85
C PHE A 74 9.36 -1.04 7.86
N VAL A 75 9.49 -1.55 6.64
CA VAL A 75 8.60 -1.17 5.52
C VAL A 75 8.13 -2.42 4.81
N LEU A 76 6.83 -2.54 4.60
CA LEU A 76 6.26 -3.60 3.81
C LEU A 76 5.21 -3.04 2.86
N ASP A 77 5.36 -3.31 1.56
CA ASP A 77 4.43 -2.86 0.53
C ASP A 77 3.64 -4.06 0.05
N LEU A 78 2.33 -3.98 0.15
CA LEU A 78 1.40 -5.02 -0.26
C LEU A 78 0.46 -4.49 -1.33
N LYS A 79 0.56 -5.05 -2.52
CA LYS A 79 -0.19 -4.54 -3.65
C LYS A 79 -1.56 -5.19 -3.61
N ILE A 80 -2.58 -4.35 -3.70
CA ILE A 80 -3.96 -4.78 -3.50
C ILE A 80 -4.77 -4.87 -4.80
N GLY A 81 -5.58 -5.92 -4.88
CA GLY A 81 -6.50 -6.12 -5.97
C GLY A 81 -6.34 -7.49 -6.60
N THR A 82 -7.37 -7.94 -7.33
CA THR A 82 -7.34 -9.25 -7.97
C THR A 82 -6.73 -9.18 -9.35
N GLN A 83 -6.44 -7.97 -9.84
CA GLN A 83 -5.58 -7.81 -11.04
C GLN A 83 -4.79 -6.54 -10.93
N THR A 84 -3.64 -6.47 -11.60
CA THR A 84 -2.82 -5.25 -11.60
C THR A 84 -2.68 -4.57 -12.95
N TRP A 85 -3.65 -4.80 -13.81
CA TRP A 85 -3.79 -4.07 -15.03
C TRP A 85 -5.18 -3.49 -15.02
N ASP A 86 -5.38 -2.42 -15.79
CA ASP A 86 -6.68 -1.78 -15.96
C ASP A 86 -6.92 -1.45 -17.45
N PRO A 87 -8.06 -0.82 -17.81
CA PRO A 87 -8.34 -0.61 -19.21
C PRO A 87 -7.32 0.23 -19.98
N GLU A 88 -6.50 1.01 -19.29
CA GLU A 88 -5.42 1.76 -19.96
C GLU A 88 -4.05 1.08 -20.00
N THR A 89 -3.88 -0.10 -19.46
CA THR A 89 -2.57 -0.72 -19.45
C THR A 89 -2.12 -1.02 -20.89
N ALA A 90 -0.86 -0.75 -21.17
CA ALA A 90 -0.29 -0.94 -22.50
C ALA A 90 -0.22 -2.40 -22.87
N SER A 91 -0.65 -2.75 -24.07
CA SER A 91 -0.56 -4.13 -24.52
C SER A 91 0.81 -4.78 -24.31
N SER A 92 1.87 -4.00 -24.45
N SER A 92 1.87 -3.99 -24.47
CA SER A 92 3.22 -4.53 -24.35
CA SER A 92 3.23 -4.52 -24.32
C SER A 92 3.57 -4.96 -22.91
C SER A 92 3.49 -5.07 -22.92
N LYS A 93 2.81 -4.51 -21.92
CA LYS A 93 2.98 -5.00 -20.54
C LYS A 93 2.07 -6.17 -20.19
N MET A 94 1.06 -6.47 -21.01
CA MET A 94 -0.03 -7.31 -20.55
C MET A 94 0.34 -8.77 -20.31
N LYS A 95 1.23 -9.33 -21.13
CA LYS A 95 1.57 -10.75 -20.94
C LYS A 95 2.17 -10.90 -19.56
N LYS A 96 3.08 -10.01 -19.21
CA LYS A 96 3.72 -10.05 -17.89
C LYS A 96 2.70 -9.87 -16.78
N ARG A 97 1.81 -8.89 -16.90
CA ARG A 97 0.82 -8.62 -15.84
C ARG A 97 -0.03 -9.82 -15.57
N LEU A 98 -0.45 -10.47 -16.65
CA LEU A 98 -1.31 -11.61 -16.54
C LEU A 98 -0.57 -12.74 -15.84
N VAL A 99 0.70 -12.92 -16.16
CA VAL A 99 1.48 -14.00 -15.60
C VAL A 99 1.75 -13.74 -14.10
N VAL A 100 2.21 -12.54 -13.76
CA VAL A 100 2.49 -12.19 -12.36
CA VAL A 100 2.51 -12.23 -12.37
C VAL A 100 1.25 -12.23 -11.49
N ASP A 101 0.14 -11.72 -12.00
CA ASP A 101 -1.12 -11.77 -11.26
C ASP A 101 -1.50 -13.23 -10.92
N SER A 102 -1.32 -14.14 -11.88
CA SER A 102 -1.75 -15.53 -11.72
CA SER A 102 -1.78 -15.51 -11.68
C SER A 102 -0.76 -16.38 -10.94
N THR A 103 0.53 -16.04 -10.99
CA THR A 103 1.54 -16.86 -10.28
C THR A 103 1.96 -16.30 -8.90
N SER A 104 1.38 -15.14 -8.55
CA SER A 104 1.47 -14.56 -7.22
C SER A 104 0.14 -14.81 -6.54
N THR A 105 -0.07 -14.23 -5.36
CA THR A 105 -1.35 -14.40 -4.62
C THR A 105 -2.41 -13.38 -5.08
N THR A 106 -2.14 -12.61 -6.12
CA THR A 106 -3.06 -11.57 -6.54
C THR A 106 -4.45 -12.12 -6.93
N THR A 107 -4.53 -13.11 -7.82
CA THR A 107 -5.86 -13.53 -8.32
C THR A 107 -6.52 -14.35 -7.24
N SER A 108 -5.75 -15.13 -6.49
CA SER A 108 -6.34 -15.94 -5.40
C SER A 108 -6.76 -15.17 -4.12
N LEU A 109 -5.96 -14.24 -3.65
CA LEU A 109 -6.24 -13.48 -2.43
C LEU A 109 -6.55 -11.96 -2.63
N GLY A 110 -6.31 -11.40 -3.82
CA GLY A 110 -6.46 -9.94 -4.02
C GLY A 110 -5.44 -9.10 -3.24
N VAL A 111 -4.36 -9.75 -2.80
CA VAL A 111 -3.27 -9.10 -2.12
C VAL A 111 -1.98 -9.88 -2.44
N ARG A 112 -0.87 -9.18 -2.71
CA ARG A 112 0.45 -9.83 -2.88
C ARG A 112 1.60 -9.09 -2.21
N PHE A 113 2.61 -9.84 -1.77
CA PHE A 113 3.90 -9.27 -1.37
C PHE A 113 4.46 -8.37 -2.49
N SER A 114 4.82 -7.14 -2.13
CA SER A 114 5.42 -6.18 -3.07
C SER A 114 6.83 -5.68 -2.72
N GLY A 115 7.44 -6.23 -1.67
CA GLY A 115 8.70 -5.67 -1.17
C GLY A 115 8.73 -5.29 0.32
N MET A 116 9.88 -5.48 0.96
CA MET A 116 10.06 -5.22 2.38
C MET A 116 11.49 -4.77 2.69
N GLU A 117 11.62 -4.02 3.78
CA GLU A 117 12.89 -3.56 4.29
C GLU A 117 12.81 -3.69 5.83
N ARG A 118 13.80 -4.37 6.40
CA ARG A 118 13.95 -4.47 7.85
C ARG A 118 15.34 -3.98 8.28
N ASN A 119 15.37 -3.11 9.29
CA ASN A 119 16.59 -2.54 9.86
C ASN A 119 16.76 -3.07 11.28
N ILE A 120 17.61 -4.08 11.40
CA ILE A 120 17.77 -4.84 12.64
C ILE A 120 19.08 -4.51 13.38
N GLY A 121 19.67 -3.34 13.10
CA GLY A 121 20.82 -2.84 13.86
C GLY A 121 22.19 -3.13 13.26
N GLU A 122 22.26 -4.03 12.28
CA GLU A 122 23.52 -4.41 11.64
C GLU A 122 23.68 -3.68 10.32
N GLU A 123 23.01 -2.54 10.17
CA GLU A 123 22.81 -1.96 8.85
C GLU A 123 24.12 -1.89 8.05
N LYS A 124 24.06 -2.12 6.75
CA LYS A 124 22.88 -1.97 5.89
C LYS A 124 21.56 -2.74 6.24
N PRO A 125 20.40 -2.21 5.80
CA PRO A 125 19.12 -2.90 6.00
C PRO A 125 19.01 -4.19 5.20
N ILE A 126 18.21 -5.14 5.68
CA ILE A 126 17.89 -6.35 4.92
C ILE A 126 16.75 -6.06 3.93
N LEU A 127 17.03 -6.19 2.62
CA LEU A 127 16.06 -5.89 1.56
C LEU A 127 15.47 -7.18 1.01
N TYR A 128 14.13 -7.18 0.84
CA TYR A 128 13.37 -8.33 0.35
C TYR A 128 12.67 -7.93 -0.93
N SER A 129 13.10 -8.50 -2.07
CA SER A 129 12.65 -8.05 -3.37
C SER A 129 11.17 -8.30 -3.60
N ARG A 130 10.49 -7.38 -4.26
CA ARG A 130 9.10 -7.62 -4.68
C ARG A 130 8.95 -8.86 -5.59
N TYR A 131 10.04 -9.24 -6.26
CA TYR A 131 10.04 -10.42 -7.16
C TYR A 131 9.88 -11.76 -6.45
N LEU A 132 10.06 -11.76 -5.13
CA LEU A 132 9.76 -12.94 -4.34
C LEU A 132 8.30 -13.38 -4.42
N CYS A 133 7.42 -12.48 -4.85
CA CYS A 133 5.97 -12.73 -4.83
C CYS A 133 5.53 -13.93 -5.67
N THR A 134 6.25 -14.23 -6.75
CA THR A 134 5.84 -15.34 -7.55
C THR A 134 6.54 -16.62 -7.18
N HIS A 135 7.36 -16.63 -6.12
N HIS A 135 7.35 -16.59 -6.12
CA HIS A 135 7.96 -17.89 -5.64
CA HIS A 135 8.17 -17.73 -5.77
C HIS A 135 7.92 -17.98 -4.13
C HIS A 135 8.06 -18.02 -4.26
N GLU A 136 8.84 -17.32 -3.44
CA GLU A 136 8.93 -17.49 -2.00
C GLU A 136 7.66 -17.05 -1.24
N VAL A 137 6.93 -16.09 -1.78
CA VAL A 137 5.74 -15.54 -1.12
C VAL A 137 4.50 -15.79 -1.98
N ASN A 138 4.37 -16.98 -2.55
CA ASN A 138 3.30 -17.23 -3.53
C ASN A 138 2.10 -17.99 -2.97
N THR A 139 1.97 -18.06 -1.66
CA THR A 139 0.79 -18.68 -1.08
C THR A 139 0.30 -17.83 0.08
N ARG A 140 -0.93 -18.08 0.52
CA ARG A 140 -1.42 -17.42 1.70
C ARG A 140 -0.54 -17.69 2.92
N ASP A 141 -0.10 -18.95 3.12
CA ASP A 141 0.78 -19.30 4.25
C ASP A 141 2.12 -18.56 4.19
N SER A 142 2.77 -18.58 3.03
CA SER A 142 4.04 -17.88 2.88
C SER A 142 3.86 -16.35 3.03
N LEU A 143 2.75 -15.82 2.51
CA LEU A 143 2.49 -14.37 2.71
C LEU A 143 2.34 -14.10 4.20
N LYS A 144 1.58 -14.93 4.92
CA LYS A 144 1.46 -14.80 6.41
C LYS A 144 2.79 -14.81 7.13
N GLU A 145 3.68 -15.68 6.67
CA GLU A 145 5.01 -15.80 7.28
C GLU A 145 5.84 -14.56 7.07
N TYR A 146 5.80 -14.03 5.85
CA TYR A 146 6.51 -12.80 5.55
C TYR A 146 5.97 -11.57 6.30
N ILE A 147 4.66 -11.50 6.52
CA ILE A 147 4.09 -10.41 7.34
C ILE A 147 4.54 -10.57 8.80
N LYS A 148 4.55 -11.81 9.31
CA LYS A 148 5.07 -12.07 10.63
C LYS A 148 6.50 -11.60 10.72
N LEU A 149 7.26 -11.83 9.66
CA LEU A 149 8.66 -11.37 9.63
C LEU A 149 8.81 -9.84 9.67
N PHE A 150 7.91 -9.14 8.99
CA PHE A 150 7.86 -7.68 9.07
C PHE A 150 7.71 -7.25 10.53
N PHE A 151 6.86 -7.93 11.27
CA PHE A 151 6.66 -7.67 12.71
C PHE A 151 7.80 -8.16 13.63
N ASN A 152 8.82 -8.79 13.05
CA ASN A 152 10.02 -9.20 13.79
C ASN A 152 11.09 -8.12 13.71
N ASP A 153 11.29 -7.44 14.83
CA ASP A 153 12.16 -6.27 14.86
C ASP A 153 13.64 -6.63 15.00
N GLY A 154 13.92 -7.93 14.99
CA GLY A 154 15.29 -8.45 15.16
C GLY A 154 15.50 -9.12 16.51
N LYS A 155 14.70 -8.77 17.52
CA LYS A 155 14.83 -9.34 18.84
C LYS A 155 13.53 -9.96 19.31
N LYS A 156 12.40 -9.55 18.74
CA LYS A 156 11.11 -10.04 19.19
C LYS A 156 10.02 -9.72 18.17
N TYR A 157 8.88 -10.40 18.31
CA TYR A 157 7.70 -10.06 17.53
C TYR A 157 6.93 -8.91 18.17
N ARG A 158 6.63 -7.88 17.37
CA ARG A 158 5.95 -6.71 17.88
C ARG A 158 4.41 -6.90 17.84
N LYS A 159 3.98 -7.88 18.62
CA LYS A 159 2.59 -8.30 18.60
C LYS A 159 1.64 -7.20 19.04
N GLU A 160 2.11 -6.29 19.89
CA GLU A 160 1.32 -5.16 20.38
C GLU A 160 0.96 -4.16 19.29
N LEU A 161 1.63 -4.20 18.14
CA LEU A 161 1.29 -3.33 17.01
C LEU A 161 0.17 -3.84 16.11
N VAL A 162 -0.15 -5.13 16.17
CA VAL A 162 -1.03 -5.72 15.17
C VAL A 162 -2.46 -5.16 15.23
N PRO A 163 -3.00 -4.94 16.46
CA PRO A 163 -4.35 -4.39 16.50
C PRO A 163 -4.46 -3.07 15.75
N TYR A 164 -3.42 -2.24 15.82
CA TYR A 164 -3.45 -0.99 15.05
C TYR A 164 -3.61 -1.28 13.56
N PHE A 165 -2.88 -2.27 13.05
CA PHE A 165 -2.92 -2.53 11.62
C PHE A 165 -4.26 -3.07 11.22
N ILE A 166 -4.85 -3.95 12.04
CA ILE A 166 -6.19 -4.45 11.74
C ILE A 166 -7.20 -3.32 11.81
N SER A 167 -7.06 -2.43 12.79
CA SER A 167 -7.99 -1.30 12.90
C SER A 167 -7.97 -0.40 11.64
N GLN A 168 -6.78 -0.19 11.07
CA GLN A 168 -6.61 0.61 9.83
C GLN A 168 -7.29 -0.07 8.66
N LEU A 169 -7.07 -1.36 8.53
CA LEU A 169 -7.73 -2.12 7.47
C LEU A 169 -9.25 -2.04 7.58
N ASP A 170 -9.77 -2.07 8.81
CA ASP A 170 -11.22 -1.94 9.02
C ASP A 170 -11.73 -0.61 8.48
N LYS A 171 -10.99 0.48 8.72
CA LYS A 171 -11.40 1.78 8.19
C LYS A 171 -11.38 1.83 6.66
N MET A 172 -10.34 1.23 6.09
CA MET A 172 -10.21 1.10 4.66
C MET A 172 -11.42 0.32 4.10
N ILE A 173 -11.74 -0.81 4.70
CA ILE A 173 -12.85 -1.63 4.22
C ILE A 173 -14.17 -0.85 4.26
N GLU A 174 -14.38 -0.15 5.37
CA GLU A 174 -15.56 0.68 5.55
C GLU A 174 -15.73 1.69 4.43
N VAL A 175 -14.68 2.41 4.07
CA VAL A 175 -14.85 3.38 3.01
C VAL A 175 -14.95 2.67 1.64
N MET A 176 -14.15 1.64 1.39
CA MET A 176 -14.14 1.02 0.05
C MET A 176 -15.40 0.20 -0.25
N LYS A 177 -16.10 -0.19 0.81
CA LYS A 177 -17.40 -0.81 0.67
C LYS A 177 -18.33 0.02 -0.17
N LYS A 178 -18.14 1.34 -0.15
CA LYS A 178 -19.04 2.23 -0.85
C LYS A 178 -18.85 2.23 -2.37
N ARG A 179 -17.71 1.69 -2.85
CA ARG A 179 -17.50 1.44 -4.28
C ARG A 179 -17.67 2.66 -5.16
N GLU A 180 -17.15 3.78 -4.68
CA GLU A 180 -17.08 5.01 -5.46
C GLU A 180 -15.86 5.09 -6.42
N TYR A 181 -14.83 4.30 -6.16
CA TYR A 181 -13.59 4.38 -6.97
C TYR A 181 -13.15 2.97 -7.22
N LYS A 182 -12.44 2.79 -8.34
CA LYS A 182 -11.70 1.57 -8.57
C LYS A 182 -10.24 1.94 -8.61
N MET A 183 -9.41 1.03 -8.09
CA MET A 183 -8.06 1.32 -7.85
C MET A 183 -7.24 0.11 -8.29
N PHE A 184 -6.31 0.32 -9.19
CA PHE A 184 -5.47 -0.75 -9.69
C PHE A 184 -4.00 -0.43 -9.43
N SER A 185 -3.28 -1.45 -9.01
CA SER A 185 -1.85 -1.39 -8.65
C SER A 185 -1.53 -0.47 -7.49
N SER A 186 -2.54 -0.15 -6.69
CA SER A 186 -2.32 0.62 -5.49
CA SER A 186 -2.36 0.61 -5.46
C SER A 186 -1.93 -0.35 -4.39
N SER A 187 -1.38 0.18 -3.32
CA SER A 187 -0.89 -0.66 -2.24
C SER A 187 -1.40 -0.24 -0.90
N VAL A 188 -1.28 -1.16 0.08
CA VAL A 188 -1.33 -0.81 1.48
C VAL A 188 0.10 -0.86 1.95
N LEU A 189 0.58 0.26 2.50
CA LEU A 189 1.91 0.37 3.01
C LEU A 189 1.93 0.23 4.56
N PHE A 190 2.64 -0.78 5.05
N PHE A 190 2.65 -0.76 5.06
CA PHE A 190 2.86 -1.01 6.50
CA PHE A 190 2.85 -0.97 6.50
C PHE A 190 4.24 -0.46 6.87
C PHE A 190 4.24 -0.47 6.87
N VAL A 191 4.34 0.41 7.86
CA VAL A 191 5.64 0.91 8.33
C VAL A 191 5.66 1.01 9.85
N TYR A 192 6.86 0.87 10.42
CA TYR A 192 7.08 1.22 11.84
C TYR A 192 8.54 1.48 12.09
N ASP A 193 8.79 2.23 13.17
CA ASP A 193 10.12 2.46 13.68
C ASP A 193 10.29 1.46 14.85
N SER A 194 11.26 0.55 14.78
CA SER A 194 11.37 -0.47 15.81
C SER A 194 11.74 0.15 17.15
N THR A 195 12.35 1.34 17.14
CA THR A 195 12.60 2.08 18.38
C THR A 195 11.36 2.76 18.90
N THR A 196 10.21 2.67 18.22
CA THR A 196 8.97 3.21 18.79
C THR A 196 8.54 2.47 20.08
N THR A 197 7.83 3.19 20.94
CA THR A 197 6.92 2.61 21.89
C THR A 197 5.51 2.77 21.30
N LEU A 198 4.56 2.10 21.90
CA LEU A 198 3.20 2.17 21.46
C LEU A 198 2.69 3.61 21.52
N GLU A 199 3.16 4.32 22.53
CA GLU A 199 2.80 5.72 22.79
C GLU A 199 3.41 6.72 21.81
N ASP A 200 4.59 6.42 21.29
CA ASP A 200 5.26 7.31 20.35
C ASP A 200 4.54 7.37 19.00
N LYS A 201 3.74 6.34 18.72
CA LYS A 201 2.93 6.26 17.48
C LYS A 201 3.73 6.42 16.20
N LYS A 202 4.97 5.94 16.21
CA LYS A 202 5.78 5.87 15.00
C LYS A 202 5.54 4.50 14.35
N TYR A 203 4.32 4.35 13.85
CA TYR A 203 3.89 3.20 13.06
C TYR A 203 2.73 3.67 12.20
N ASN A 204 2.52 3.04 11.07
CA ASN A 204 1.54 3.52 10.13
C ASN A 204 1.14 2.47 9.12
N CYS A 205 -0.07 2.65 8.61
CA CYS A 205 -0.70 1.76 7.65
C CYS A 205 -1.60 2.61 6.76
N LYS A 206 -1.20 2.81 5.50
CA LYS A 206 -1.95 3.70 4.62
C LYS A 206 -2.09 3.11 3.26
N MET A 207 -3.18 3.47 2.57
CA MET A 207 -3.28 3.18 1.16
CA MET A 207 -3.31 3.20 1.16
C MET A 207 -2.45 4.20 0.41
N ILE A 208 -1.77 3.74 -0.64
CA ILE A 208 -0.96 4.61 -1.45
C ILE A 208 -0.99 4.25 -2.93
N ASP A 209 -0.51 5.20 -3.74
CA ASP A 209 -0.27 5.02 -5.17
C ASP A 209 -1.49 4.89 -6.01
N PHE A 210 -2.00 6.07 -6.36
CA PHE A 210 -3.35 6.18 -6.94
C PHE A 210 -3.31 6.59 -8.40
N ALA A 211 -2.18 6.24 -9.05
CA ALA A 211 -1.92 6.52 -10.44
C ALA A 211 -2.87 5.80 -11.41
N HIS A 212 -3.59 4.78 -10.93
CA HIS A 212 -4.62 4.12 -11.72
C HIS A 212 -5.97 4.02 -11.02
N ASN A 213 -6.41 5.15 -10.44
CA ASN A 213 -7.70 5.25 -9.78
C ASN A 213 -8.69 5.83 -10.75
N TRP A 214 -9.89 5.23 -10.79
CA TRP A 214 -11.02 5.58 -11.68
C TRP A 214 -12.10 6.16 -10.77
N ILE A 215 -12.63 7.31 -11.15
CA ILE A 215 -13.66 8.01 -10.38
C ILE A 215 -15.02 7.69 -11.06
N LEU A 216 -15.81 6.82 -10.42
CA LEU A 216 -16.86 6.12 -11.13
C LEU A 216 -18.02 7.04 -11.43
N SER A 217 -18.09 8.15 -10.72
CA SER A 217 -19.08 9.18 -11.02
C SER A 217 -18.78 10.04 -12.27
N GLU A 218 -17.57 9.89 -12.80
N GLU A 218 -17.56 9.93 -12.81
CA GLU A 218 -17.06 10.69 -13.91
CA GLU A 218 -17.16 10.71 -13.97
C GLU A 218 -16.70 9.86 -15.13
C GLU A 218 -16.71 9.86 -15.15
N GLU A 219 -16.64 8.53 -14.97
CA GLU A 219 -16.15 7.62 -16.03
C GLU A 219 -16.45 6.15 -15.73
N GLU A 220 -16.43 5.36 -16.80
N GLU A 220 -16.60 5.34 -16.77
CA GLU A 220 -16.76 3.95 -16.76
CA GLU A 220 -16.86 3.91 -16.58
C GLU A 220 -15.48 3.15 -16.58
C GLU A 220 -15.55 3.16 -16.55
N CYS A 221 -15.49 2.16 -15.69
CA CYS A 221 -14.38 1.22 -15.62
C CYS A 221 -15.03 -0.15 -15.50
N THR A 222 -15.05 -0.86 -16.59
CA THR A 222 -15.72 -2.15 -16.68
C THR A 222 -15.11 -3.23 -15.79
N VAL A 223 -13.80 -3.37 -15.86
CA VAL A 223 -13.11 -4.40 -15.07
C VAL A 223 -13.25 -4.20 -13.57
N GLU A 224 -13.26 -5.31 -12.85
CA GLU A 224 -13.32 -5.24 -11.40
C GLU A 224 -11.89 -5.14 -10.85
N ASP A 225 -11.73 -4.45 -9.72
CA ASP A 225 -10.42 -4.37 -9.08
C ASP A 225 -10.16 -5.44 -8.02
N GLY A 226 -11.22 -6.00 -7.45
CA GLY A 226 -11.11 -6.94 -6.32
C GLY A 226 -10.45 -6.31 -5.11
N PHE A 227 -10.58 -4.99 -4.99
CA PHE A 227 -9.92 -4.27 -3.89
C PHE A 227 -10.43 -4.65 -2.51
N LEU A 228 -11.75 -4.60 -2.33
CA LEU A 228 -12.40 -4.98 -1.06
C LEU A 228 -12.08 -6.42 -0.69
N PHE A 229 -12.11 -7.30 -1.70
CA PHE A 229 -11.82 -8.73 -1.51
C PHE A 229 -10.41 -8.87 -0.95
N GLY A 230 -9.49 -8.11 -1.53
CA GLY A 230 -8.10 -8.11 -1.05
C GLY A 230 -7.93 -7.60 0.36
N LEU A 231 -8.62 -6.52 0.70
CA LEU A 231 -8.52 -5.96 2.04
C LEU A 231 -9.04 -6.96 3.08
N ASN A 232 -10.18 -7.58 2.81
CA ASN A 232 -10.69 -8.63 3.70
C ASN A 232 -9.70 -9.75 3.84
N ASN A 233 -9.11 -10.21 2.75
CA ASN A 233 -8.14 -11.28 2.90
C ASN A 233 -6.93 -10.87 3.73
N LEU A 234 -6.46 -9.65 3.54
CA LEU A 234 -5.32 -9.19 4.30
C LEU A 234 -5.70 -9.09 5.81
N LYS A 235 -6.86 -8.54 6.08
CA LYS A 235 -7.36 -8.44 7.43
C LYS A 235 -7.40 -9.82 8.10
N SER A 236 -7.84 -10.85 7.38
CA SER A 236 -7.95 -12.17 8.01
C SER A 236 -6.59 -12.80 8.25
N ILE A 237 -5.62 -12.47 7.41
CA ILE A 237 -4.25 -12.90 7.68
C ILE A 237 -3.73 -12.24 8.96
N LEU A 238 -3.96 -10.93 9.12
CA LEU A 238 -3.53 -10.25 10.34
C LEU A 238 -4.20 -10.85 11.58
N GLU A 239 -5.47 -11.20 11.44
CA GLU A 239 -6.25 -11.79 12.53
CA GLU A 239 -6.20 -11.75 12.57
C GLU A 239 -5.64 -13.14 12.91
N ASP A 240 -5.22 -13.89 11.90
CA ASP A 240 -4.53 -15.14 12.19
C ASP A 240 -3.22 -14.89 12.90
N ILE A 241 -2.54 -13.82 12.50
CA ILE A 241 -1.25 -13.52 13.08
C ILE A 241 -1.41 -13.18 14.56
N GLU A 242 -2.47 -12.45 14.86
CA GLU A 242 -2.81 -12.04 16.19
C GLU A 242 -2.98 -13.29 17.06
N ASN A 243 -3.57 -14.33 16.49
CA ASN A 243 -3.68 -15.62 17.20
C ASN A 243 -2.37 -16.36 17.35
N GLU A 244 -1.65 -16.49 16.26
CA GLU A 244 -0.33 -17.14 16.28
C GLU A 244 0.62 -16.43 17.25
N PHE A 245 0.44 -15.14 17.46
CA PHE A 245 1.29 -14.42 18.37
C PHE A 245 0.90 -14.56 19.85
N LYS A 246 -0.24 -15.18 20.14
CA LYS A 246 -0.70 -15.32 21.53
C LYS A 246 0.16 -16.30 22.30
N SER A 247 0.48 -17.44 21.69
CA SER A 247 1.31 -18.49 22.33
C SER A 247 2.70 -17.98 22.74
N LEU A 248 3.17 -16.93 22.10
CA LEU A 248 4.37 -16.23 22.56
C LEU A 248 4.08 -15.67 23.96
#